data_5L09
#
_entry.id   5L09
#
_cell.length_a   63.878
_cell.length_b   122.775
_cell.length_c   107.603
_cell.angle_alpha   90.00
_cell.angle_beta   90.00
_cell.angle_gamma   90.00
#
_symmetry.space_group_name_H-M   'C 2 2 21'
#
loop_
_entity.id
_entity.type
_entity.pdbx_description
1 polymer 'Quorum-sensing transcriptional activator'
2 non-polymer 3-oxo-N-[(3S)-2-oxotetrahydrofuran-3-yl]hexanamide
3 non-polymer 'SULFATE ION'
4 non-polymer 1,2-ETHANEDIOL
5 non-polymer 'ACETIC ACID'
6 water water
#
_entity_poly.entity_id   1
_entity_poly.type   'polypeptide(L)'
_entity_poly.pdbx_seq_one_letter_code
;(MSE)IIDYFDNESINEDIKNYIQRRIKAYGDLRYSYLV(MSE)NKKTPLHPTIISNYPLDWVKKYKKNSYHLIDPVILT
AKDKVAPFAWDDNSVINKKSTDSAVFKLAREYNIVNGYTFVLHDNSNN(MSE)ATLNISNGSDDSISFDESIEINKEKIQ
(MSE)LLILTHEK(MSE)LGLYQSNSDKNENRNPKIERD
;
_entity_poly.pdbx_strand_id   A,B
#
loop_
_chem_comp.id
_chem_comp.type
_chem_comp.name
_chem_comp.formula
482 non-polymer 3-oxo-N-[(3S)-2-oxotetrahydrofuran-3-yl]hexanamide 'C10 H15 N O4'
ACY non-polymer 'ACETIC ACID' 'C2 H4 O2'
EDO non-polymer 1,2-ETHANEDIOL 'C2 H6 O2'
SO4 non-polymer 'SULFATE ION' 'O4 S -2'
#
# COMPACT_ATOMS: atom_id res chain seq x y z
N ILE A 2 17.89 7.38 2.04
CA ILE A 2 18.06 7.66 0.63
C ILE A 2 18.22 6.35 -0.15
N ILE A 3 17.62 6.31 -1.35
CA ILE A 3 17.53 5.11 -2.16
C ILE A 3 18.31 5.33 -3.45
N ASP A 4 19.03 4.29 -3.90
CA ASP A 4 19.77 4.32 -5.16
C ASP A 4 18.87 3.91 -6.33
N TYR A 5 19.38 4.11 -7.54
CA TYR A 5 18.66 3.67 -8.74
C TYR A 5 18.64 2.15 -8.80
N PHE A 6 17.49 1.59 -9.19
CA PHE A 6 17.26 0.15 -9.13
C PHE A 6 17.82 -0.56 -10.38
N ASP A 7 19.13 -0.43 -10.59
CA ASP A 7 19.68 -0.83 -11.88
C ASP A 7 20.87 -1.78 -11.76
N ASN A 8 20.90 -2.63 -10.73
CA ASN A 8 21.85 -3.74 -10.69
C ASN A 8 21.18 -4.96 -11.32
N GLU A 9 21.83 -5.51 -12.36
CA GLU A 9 21.23 -6.58 -13.15
C GLU A 9 21.11 -7.88 -12.35
N SER A 10 22.13 -8.23 -11.58
CA SER A 10 22.06 -9.45 -10.75
C SER A 10 20.93 -9.36 -9.72
N ILE A 11 20.77 -8.20 -9.10
CA ILE A 11 19.72 -8.02 -8.10
C ILE A 11 18.34 -8.08 -8.75
N ASN A 12 18.18 -7.42 -9.90
CA ASN A 12 16.88 -7.39 -10.54
C ASN A 12 16.49 -8.76 -11.07
N GLU A 13 17.45 -9.59 -11.47
CA GLU A 13 17.14 -10.95 -11.87
C GLU A 13 16.74 -11.81 -10.67
N ASP A 14 17.40 -11.62 -9.52
CA ASP A 14 16.96 -12.33 -8.32
C ASP A 14 15.55 -11.93 -7.91
N ILE A 15 15.25 -10.63 -7.99
CA ILE A 15 13.90 -10.15 -7.69
C ILE A 15 12.90 -10.67 -8.72
N LYS A 16 13.32 -10.78 -9.99
CA LYS A 16 12.46 -11.39 -10.99
C LYS A 16 12.10 -12.82 -10.61
N ASN A 17 13.08 -13.60 -10.17
CA ASN A 17 12.78 -14.96 -9.73
C ASN A 17 11.87 -14.94 -8.51
N TYR A 18 12.13 -14.01 -7.58
CA TYR A 18 11.29 -13.87 -6.40
C TYR A 18 9.82 -13.64 -6.77
N ILE A 19 9.55 -12.69 -7.67
CA ILE A 19 8.17 -12.43 -8.12
C ILE A 19 7.60 -13.64 -8.85
N GLN A 20 8.35 -14.16 -9.81
CA GLN A 20 7.81 -15.17 -10.74
C GLN A 20 7.35 -16.43 -9.98
N ARG A 21 8.17 -16.90 -9.03
N ARG A 21 8.16 -16.89 -9.02
CA ARG A 21 7.81 -18.09 -8.26
CA ARG A 21 7.81 -18.09 -8.26
C ARG A 21 6.51 -17.88 -7.48
C ARG A 21 6.53 -17.89 -7.47
N ARG A 22 6.31 -16.67 -6.96
CA ARG A 22 5.16 -16.43 -6.10
C ARG A 22 3.91 -16.12 -6.91
N ILE A 23 4.06 -15.35 -7.99
CA ILE A 23 2.87 -14.97 -8.72
C ILE A 23 2.30 -16.16 -9.50
N LYS A 24 3.10 -17.20 -9.76
CA LYS A 24 2.56 -18.37 -10.45
C LYS A 24 1.61 -19.19 -9.58
N ALA A 25 1.57 -18.96 -8.26
CA ALA A 25 0.50 -19.50 -7.41
C ALA A 25 -0.88 -19.05 -7.85
N TYR A 26 -1.00 -17.97 -8.60
CA TYR A 26 -2.30 -17.44 -8.98
C TYR A 26 -2.69 -17.80 -10.41
N GLY A 27 -1.85 -18.57 -11.11
CA GLY A 27 -2.10 -18.99 -12.47
C GLY A 27 -0.89 -18.79 -13.35
N ASP A 28 -1.01 -19.20 -14.60
CA ASP A 28 0.02 -18.93 -15.61
C ASP A 28 -0.29 -17.54 -16.18
N LEU A 29 0.46 -16.54 -15.72
N LEU A 29 0.45 -16.53 -15.74
CA LEU A 29 0.12 -15.15 -15.94
CA LEU A 29 0.05 -15.18 -16.07
C LEU A 29 1.28 -14.42 -16.60
C LEU A 29 1.25 -14.34 -16.47
N ARG A 30 0.95 -13.25 -17.16
CA ARG A 30 1.93 -12.26 -17.56
C ARG A 30 1.95 -11.21 -16.46
N TYR A 31 3.14 -10.76 -16.06
CA TYR A 31 3.22 -9.75 -15.01
C TYR A 31 4.28 -8.73 -15.40
N SER A 32 4.12 -7.50 -14.89
CA SER A 32 5.16 -6.50 -14.97
C SER A 32 5.19 -5.73 -13.66
N TYR A 33 6.33 -5.75 -12.98
CA TYR A 33 6.62 -4.89 -11.86
C TYR A 33 7.29 -3.65 -12.43
N LEU A 34 6.61 -2.50 -12.35
CA LEU A 34 7.10 -1.26 -12.92
C LEU A 34 7.21 -0.23 -11.79
N VAL A 35 8.41 0.32 -11.60
CA VAL A 35 8.63 1.34 -10.56
C VAL A 35 9.05 2.63 -11.24
N MSE A 36 8.41 3.72 -10.85
CA MSE A 36 8.58 5.01 -11.49
C MSE A 36 8.79 6.08 -10.43
O MSE A 36 8.02 6.13 -9.48
CB MSE A 36 7.35 5.33 -12.33
CG MSE A 36 7.37 6.64 -13.06
SE MSE A 36 5.62 6.98 -13.88
CE MSE A 36 4.70 7.75 -12.34
N ASN A 37 9.82 6.91 -10.58
CA ASN A 37 9.97 8.02 -9.64
C ASN A 37 9.03 9.14 -10.08
N LYS A 38 8.17 9.60 -9.18
CA LYS A 38 7.17 10.58 -9.57
C LYS A 38 7.76 11.97 -9.81
N LYS A 39 8.94 12.27 -9.26
CA LYS A 39 9.59 13.54 -9.57
C LYS A 39 10.28 13.51 -10.91
N THR A 40 10.91 12.38 -11.26
CA THR A 40 11.71 12.23 -12.48
C THR A 40 11.30 10.93 -13.15
N PRO A 41 10.18 10.93 -13.84
CA PRO A 41 9.56 9.65 -14.26
C PRO A 41 9.97 9.11 -15.62
N LEU A 42 11.04 9.62 -16.23
CA LEU A 42 11.28 9.28 -17.63
C LEU A 42 11.71 7.82 -17.81
N HIS A 43 12.48 7.27 -16.86
CA HIS A 43 13.15 5.98 -17.01
C HIS A 43 12.75 5.04 -15.88
N PRO A 44 11.58 4.41 -15.97
CA PRO A 44 11.14 3.50 -14.91
C PRO A 44 11.91 2.20 -14.95
N THR A 45 11.93 1.51 -13.82
CA THR A 45 12.47 0.16 -13.77
C THR A 45 11.35 -0.82 -14.08
N ILE A 46 11.63 -1.80 -14.94
CA ILE A 46 10.61 -2.75 -15.38
C ILE A 46 11.16 -4.17 -15.20
N ILE A 47 10.50 -4.97 -14.36
CA ILE A 47 10.86 -6.38 -14.20
C ILE A 47 9.63 -7.19 -14.59
N SER A 48 9.75 -7.99 -15.65
CA SER A 48 8.55 -8.46 -16.34
C SER A 48 8.83 -9.73 -17.13
N ASN A 49 7.79 -10.56 -17.28
CA ASN A 49 7.81 -11.64 -18.26
C ASN A 49 6.90 -11.33 -19.45
N TYR A 50 6.54 -10.06 -19.67
CA TYR A 50 5.84 -9.70 -20.91
C TYR A 50 6.73 -10.08 -22.11
N PRO A 51 6.13 -10.27 -23.28
CA PRO A 51 6.93 -10.44 -24.50
C PRO A 51 8.04 -9.40 -24.62
N LEU A 52 9.26 -9.89 -24.87
N LEU A 52 9.25 -9.89 -24.88
CA LEU A 52 10.44 -9.03 -24.83
CA LEU A 52 10.43 -9.03 -24.83
C LEU A 52 10.35 -7.90 -25.85
C LEU A 52 10.34 -7.89 -25.85
N ASP A 53 9.76 -8.16 -27.02
CA ASP A 53 9.66 -7.12 -28.03
C ASP A 53 8.68 -6.03 -27.61
N TRP A 54 7.63 -6.38 -26.87
CA TRP A 54 6.74 -5.36 -26.33
C TRP A 54 7.45 -4.52 -25.27
N VAL A 55 8.16 -5.17 -24.34
CA VAL A 55 8.91 -4.45 -23.33
C VAL A 55 9.90 -3.48 -23.98
N LYS A 56 10.64 -3.96 -24.98
CA LYS A 56 11.62 -3.10 -25.63
C LYS A 56 10.94 -1.91 -26.31
N LYS A 57 9.81 -2.15 -26.98
CA LYS A 57 9.09 -1.06 -27.64
C LYS A 57 8.53 -0.06 -26.62
N TYR A 58 8.04 -0.58 -25.50
CA TYR A 58 7.42 0.26 -24.46
C TYR A 58 8.47 1.15 -23.82
N LYS A 59 9.66 0.61 -23.57
CA LYS A 59 10.77 1.41 -23.04
C LYS A 59 11.25 2.42 -24.06
N LYS A 60 11.43 2.00 -25.31
CA LYS A 60 12.01 2.90 -26.31
C LYS A 60 11.14 4.12 -26.53
N ASN A 61 9.81 3.96 -26.48
CA ASN A 61 8.88 5.04 -26.75
C ASN A 61 8.35 5.71 -25.47
N SER A 62 8.85 5.32 -24.30
CA SER A 62 8.42 5.88 -23.01
C SER A 62 6.91 5.80 -22.84
N TYR A 63 6.36 4.62 -23.15
CA TYR A 63 4.90 4.49 -23.24
C TYR A 63 4.22 4.57 -21.90
N HIS A 64 4.96 4.43 -20.80
CA HIS A 64 4.36 4.61 -19.48
C HIS A 64 3.78 6.01 -19.32
N LEU A 65 4.31 6.99 -20.07
CA LEU A 65 3.82 8.36 -19.94
C LEU A 65 2.44 8.54 -20.54
N ILE A 66 2.00 7.65 -21.42
CA ILE A 66 0.66 7.68 -21.98
C ILE A 66 -0.13 6.40 -21.70
N ASP A 67 0.35 5.58 -20.77
CA ASP A 67 -0.31 4.30 -20.51
C ASP A 67 -1.49 4.53 -19.56
N PRO A 68 -2.73 4.28 -20.00
CA PRO A 68 -3.89 4.49 -19.10
C PRO A 68 -3.74 3.83 -17.73
N VAL A 69 -3.10 2.66 -17.62
CA VAL A 69 -3.08 2.04 -16.29
C VAL A 69 -2.08 2.73 -15.38
N ILE A 70 -0.97 3.24 -15.93
CA ILE A 70 0.00 4.00 -15.13
C ILE A 70 -0.60 5.35 -14.74
N LEU A 71 -1.23 6.04 -15.70
CA LEU A 71 -1.87 7.30 -15.40
C LEU A 71 -2.98 7.14 -14.37
N THR A 72 -3.66 6.00 -14.38
CA THR A 72 -4.68 5.76 -13.36
C THR A 72 -4.04 5.46 -12.02
N ALA A 73 -2.99 4.61 -12.00
CA ALA A 73 -2.39 4.17 -10.74
C ALA A 73 -1.82 5.36 -9.96
N LYS A 74 -1.33 6.35 -10.69
CA LYS A 74 -0.74 7.56 -10.09
C LYS A 74 -1.64 8.20 -9.06
N ASP A 75 -2.95 8.15 -9.25
CA ASP A 75 -3.90 8.74 -8.31
C ASP A 75 -4.68 7.69 -7.50
N LYS A 76 -4.14 6.49 -7.32
CA LYS A 76 -4.89 5.45 -6.63
C LYS A 76 -4.02 4.86 -5.52
N VAL A 77 -4.66 4.23 -4.54
CA VAL A 77 -3.99 3.32 -3.61
C VAL A 77 -4.49 1.88 -3.71
N ALA A 78 -5.72 1.65 -4.24
CA ALA A 78 -6.36 0.36 -4.27
C ALA A 78 -6.24 -0.25 -5.66
N PRO A 79 -6.22 -1.59 -5.76
CA PRO A 79 -6.08 -2.22 -7.06
C PRO A 79 -7.30 -1.99 -7.93
N PHE A 80 -7.08 -2.02 -9.24
CA PHE A 80 -8.18 -1.81 -10.20
C PHE A 80 -8.00 -2.71 -11.42
N ALA A 81 -9.14 -3.03 -12.04
CA ALA A 81 -9.15 -3.78 -13.28
C ALA A 81 -8.96 -2.83 -14.44
N TRP A 82 -8.35 -3.33 -15.52
CA TRP A 82 -8.13 -2.41 -16.63
C TRP A 82 -9.42 -2.04 -17.35
N ASP A 83 -10.52 -2.73 -17.08
CA ASP A 83 -11.82 -2.34 -17.59
C ASP A 83 -12.59 -1.48 -16.61
N ASP A 84 -11.97 -1.02 -15.53
CA ASP A 84 -12.65 -0.16 -14.59
C ASP A 84 -12.80 1.25 -15.17
N ASN A 85 -13.80 1.99 -14.67
CA ASN A 85 -14.20 3.24 -15.31
C ASN A 85 -13.07 4.27 -15.33
N SER A 86 -12.19 4.23 -14.33
CA SER A 86 -11.11 5.20 -14.31
C SER A 86 -10.13 5.00 -15.47
N VAL A 87 -9.91 3.76 -15.89
CA VAL A 87 -8.98 3.48 -16.99
C VAL A 87 -9.62 3.79 -18.34
N ILE A 88 -10.91 3.47 -18.52
CA ILE A 88 -11.56 3.70 -19.82
C ILE A 88 -11.58 5.18 -20.14
N ASN A 89 -11.65 6.04 -19.12
CA ASN A 89 -11.56 7.48 -19.31
C ASN A 89 -10.24 7.88 -19.98
N LYS A 90 -9.12 7.34 -19.47
CA LYS A 90 -7.82 7.63 -20.09
C LYS A 90 -7.73 7.05 -21.49
N LYS A 91 -8.34 5.90 -21.73
CA LYS A 91 -8.37 5.28 -23.06
C LYS A 91 -9.03 6.20 -24.08
N ASP A 94 -5.87 8.56 -24.60
CA ASP A 94 -5.01 7.92 -25.58
C ASP A 94 -5.13 6.39 -25.52
N SER A 95 -5.43 5.77 -26.66
CA SER A 95 -5.59 4.34 -26.74
C SER A 95 -4.42 3.65 -27.44
N ALA A 96 -3.35 4.38 -27.75
CA ALA A 96 -2.25 3.77 -28.51
C ALA A 96 -1.61 2.63 -27.75
N VAL A 97 -1.47 2.74 -26.43
CA VAL A 97 -0.80 1.68 -25.68
C VAL A 97 -1.63 0.41 -25.71
N PHE A 98 -2.94 0.52 -25.53
CA PHE A 98 -3.74 -0.71 -25.54
C PHE A 98 -3.82 -1.30 -26.95
N LYS A 99 -3.89 -0.46 -27.97
CA LYS A 99 -3.92 -0.95 -29.35
C LYS A 99 -2.67 -1.75 -29.67
N LEU A 100 -1.50 -1.22 -29.30
CA LEU A 100 -0.26 -1.94 -29.55
C LEU A 100 -0.16 -3.19 -28.68
N ALA A 101 -0.58 -3.09 -27.41
CA ALA A 101 -0.52 -4.25 -26.52
C ALA A 101 -1.39 -5.40 -27.03
N ARG A 102 -2.49 -5.09 -27.71
CA ARG A 102 -3.36 -6.15 -28.20
C ARG A 102 -2.61 -7.10 -29.11
N GLU A 103 -1.67 -6.57 -29.90
CA GLU A 103 -0.91 -7.44 -30.80
C GLU A 103 -0.07 -8.45 -30.04
N TYR A 104 0.15 -8.25 -28.74
CA TYR A 104 0.84 -9.21 -27.89
C TYR A 104 -0.12 -9.98 -26.96
N ASN A 105 -1.42 -9.99 -27.28
CA ASN A 105 -2.45 -10.62 -26.46
C ASN A 105 -2.55 -10.04 -25.06
N ILE A 106 -2.06 -8.82 -24.84
CA ILE A 106 -2.14 -8.19 -23.51
C ILE A 106 -3.35 -7.26 -23.58
N VAL A 107 -4.51 -7.79 -23.18
CA VAL A 107 -5.78 -7.10 -23.35
C VAL A 107 -6.54 -6.94 -22.05
N ASN A 108 -6.53 -7.97 -21.22
CA ASN A 108 -7.31 -8.00 -20.00
C ASN A 108 -6.36 -8.03 -18.81
N GLY A 109 -6.64 -7.26 -17.76
CA GLY A 109 -5.63 -7.21 -16.70
C GLY A 109 -6.04 -6.41 -15.49
N TYR A 110 -5.14 -6.38 -14.51
CA TYR A 110 -5.30 -5.67 -13.26
C TYR A 110 -4.00 -4.96 -12.95
N THR A 111 -4.11 -3.84 -12.22
CA THR A 111 -2.95 -3.13 -11.71
C THR A 111 -3.08 -2.98 -10.20
N PHE A 112 -2.00 -3.33 -9.50
CA PHE A 112 -1.86 -3.12 -8.07
C PHE A 112 -0.83 -2.01 -7.88
N VAL A 113 -1.05 -1.12 -6.91
CA VAL A 113 -0.24 0.09 -6.82
C VAL A 113 0.22 0.32 -5.39
N LEU A 114 1.39 0.97 -5.28
N LEU A 114 1.41 0.92 -5.29
CA LEU A 114 2.04 1.23 -4.00
CA LEU A 114 2.03 1.26 -4.04
C LEU A 114 2.86 2.50 -4.10
C LEU A 114 2.71 2.61 -4.24
N HIS A 115 2.53 3.52 -3.31
CA HIS A 115 3.34 4.73 -3.24
C HIS A 115 4.23 4.61 -2.01
N ASP A 116 5.52 4.94 -2.14
CA ASP A 116 6.39 4.84 -0.97
C ASP A 116 6.74 6.24 -0.49
N ASN A 117 7.66 6.33 0.46
CA ASN A 117 8.01 7.64 1.02
C ASN A 117 9.27 8.19 0.39
N SER A 118 9.66 7.66 -0.77
CA SER A 118 10.78 8.16 -1.54
C SER A 118 10.35 8.66 -2.91
N ASN A 119 9.08 9.06 -3.05
CA ASN A 119 8.50 9.56 -4.30
C ASN A 119 8.42 8.50 -5.38
N ASN A 120 8.52 7.22 -5.05
CA ASN A 120 8.31 6.21 -6.09
C ASN A 120 6.85 5.78 -6.10
N MSE A 121 6.38 5.42 -7.30
CA MSE A 121 5.17 4.66 -7.45
C MSE A 121 5.56 3.29 -7.98
O MSE A 121 6.22 3.20 -9.02
CB MSE A 121 4.20 5.34 -8.40
CG MSE A 121 2.91 4.57 -8.50
SE MSE A 121 1.78 5.20 -9.94
CE MSE A 121 2.70 4.55 -11.38
N ALA A 122 5.20 2.23 -7.28
CA ALA A 122 5.45 0.87 -7.77
C ALA A 122 4.11 0.24 -8.16
N THR A 123 4.10 -0.42 -9.31
CA THR A 123 2.90 -1.11 -9.76
C THR A 123 3.23 -2.56 -10.05
N LEU A 124 2.26 -3.42 -9.79
CA LEU A 124 2.30 -4.80 -10.24
C LEU A 124 1.12 -4.97 -11.20
N ASN A 125 1.44 -5.12 -12.48
CA ASN A 125 0.45 -5.22 -13.54
C ASN A 125 0.40 -6.67 -13.99
N ILE A 126 -0.80 -7.22 -14.11
CA ILE A 126 -0.92 -8.64 -14.40
C ILE A 126 -1.98 -8.86 -15.46
N SER A 127 -1.74 -9.83 -16.33
CA SER A 127 -2.64 -10.11 -17.43
C SER A 127 -2.68 -11.61 -17.68
N ASN A 128 -3.84 -12.11 -18.14
CA ASN A 128 -3.93 -13.51 -18.54
C ASN A 128 -3.38 -13.77 -19.93
N GLY A 129 -2.99 -12.74 -20.66
CA GLY A 129 -2.50 -12.96 -22.02
C GLY A 129 -3.59 -13.61 -22.84
N SER A 130 -3.28 -14.74 -23.47
CA SER A 130 -4.27 -15.45 -24.27
C SER A 130 -5.00 -16.57 -23.50
N ASP A 131 -4.63 -16.84 -22.25
CA ASP A 131 -5.32 -17.86 -21.47
C ASP A 131 -6.70 -17.36 -21.01
N ASP A 132 -7.48 -18.26 -20.39
CA ASP A 132 -8.90 -18.01 -20.14
C ASP A 132 -9.12 -16.85 -19.18
N SER A 133 -9.84 -15.84 -19.65
CA SER A 133 -10.01 -14.62 -18.86
C SER A 133 -10.91 -14.83 -17.65
N ILE A 134 -11.85 -15.78 -17.71
CA ILE A 134 -12.78 -16.00 -16.60
C ILE A 134 -12.06 -16.58 -15.40
N SER A 135 -11.27 -17.63 -15.63
CA SER A 135 -10.52 -18.23 -14.53
C SER A 135 -9.55 -17.23 -13.95
N PHE A 136 -8.93 -16.44 -14.82
CA PHE A 136 -8.00 -15.42 -14.37
C PHE A 136 -8.70 -14.39 -13.49
N ASP A 137 -9.79 -13.80 -13.98
CA ASP A 137 -10.48 -12.77 -13.18
C ASP A 137 -10.92 -13.31 -11.82
N GLU A 138 -11.43 -14.54 -11.79
CA GLU A 138 -11.88 -15.10 -10.52
C GLU A 138 -10.71 -15.29 -9.56
N SER A 139 -9.59 -15.78 -10.08
CA SER A 139 -8.41 -15.99 -9.25
C SER A 139 -7.84 -14.69 -8.70
N ILE A 140 -7.84 -13.62 -9.51
CA ILE A 140 -7.40 -12.33 -9.00
C ILE A 140 -8.39 -11.79 -7.96
N GLU A 141 -9.69 -11.89 -8.24
CA GLU A 141 -10.67 -11.34 -7.32
C GLU A 141 -10.56 -12.00 -5.95
N ILE A 142 -10.36 -13.31 -5.90
CA ILE A 142 -10.33 -13.92 -4.58
C ILE A 142 -8.95 -13.76 -3.92
N ASN A 143 -7.89 -13.49 -4.70
CA ASN A 143 -6.54 -13.41 -4.16
C ASN A 143 -5.99 -11.99 -4.12
N LYS A 144 -6.84 -10.97 -4.29
CA LYS A 144 -6.32 -9.62 -4.44
C LYS A 144 -5.55 -9.14 -3.21
N GLU A 145 -5.96 -9.56 -2.01
N GLU A 145 -5.98 -9.55 -2.01
CA GLU A 145 -5.21 -9.15 -0.82
CA GLU A 145 -5.25 -9.20 -0.79
C GLU A 145 -3.82 -9.76 -0.80
C GLU A 145 -3.83 -9.76 -0.82
N LYS A 146 -3.69 -11.00 -1.25
CA LYS A 146 -2.37 -11.63 -1.28
C LYS A 146 -1.50 -11.04 -2.37
N ILE A 147 -2.09 -10.65 -3.49
CA ILE A 147 -1.30 -10.08 -4.58
C ILE A 147 -0.81 -8.69 -4.20
N GLN A 148 -1.66 -7.90 -3.55
CA GLN A 148 -1.20 -6.62 -3.03
C GLN A 148 -0.03 -6.81 -2.08
N MSE A 149 -0.10 -7.83 -1.21
CA MSE A 149 1.00 -8.04 -0.27
C MSE A 149 2.26 -8.47 -1.03
O MSE A 149 3.36 -8.10 -0.64
CB MSE A 149 0.63 -9.07 0.81
CG MSE A 149 1.69 -9.23 1.92
SE MSE A 149 2.14 -7.54 2.90
CE MSE A 149 0.41 -7.08 3.65
N LEU A 150 2.10 -9.26 -2.10
CA LEU A 150 3.27 -9.59 -2.92
C LEU A 150 3.95 -8.32 -3.46
N LEU A 151 3.16 -7.35 -3.94
CA LEU A 151 3.78 -6.10 -4.38
C LEU A 151 4.50 -5.42 -3.23
N ILE A 152 3.86 -5.36 -2.06
CA ILE A 152 4.45 -4.68 -0.91
C ILE A 152 5.79 -5.32 -0.53
N LEU A 153 5.79 -6.64 -0.38
CA LEU A 153 7.02 -7.31 0.05
C LEU A 153 8.11 -7.23 -1.02
N THR A 154 7.74 -7.29 -2.31
CA THR A 154 8.73 -7.11 -3.38
C THR A 154 9.37 -5.74 -3.28
N HIS A 155 8.54 -4.70 -3.16
CA HIS A 155 9.07 -3.35 -3.12
C HIS A 155 9.89 -3.13 -1.86
N GLU A 156 9.45 -3.73 -0.74
CA GLU A 156 10.23 -3.61 0.48
C GLU A 156 11.62 -4.22 0.29
N LYS A 157 11.71 -5.36 -0.40
CA LYS A 157 13.02 -5.95 -0.67
C LYS A 157 13.87 -5.03 -1.54
N MSE A 158 13.29 -4.52 -2.62
CA MSE A 158 14.00 -3.58 -3.49
C MSE A 158 14.53 -2.38 -2.72
O MSE A 158 15.69 -1.99 -2.92
CB MSE A 158 13.11 -3.08 -4.64
CG MSE A 158 12.74 -4.18 -5.60
SE MSE A 158 14.21 -4.67 -6.80
CE MSE A 158 14.07 -3.13 -7.99
N LEU A 159 13.70 -1.79 -1.86
CA LEU A 159 14.14 -0.66 -1.05
C LEU A 159 15.33 -1.02 -0.19
N GLY A 160 15.30 -2.20 0.45
CA GLY A 160 16.43 -2.61 1.26
C GLY A 160 17.68 -2.90 0.44
N LEU A 161 17.50 -3.51 -0.74
CA LEU A 161 18.66 -3.84 -1.55
C LEU A 161 19.33 -2.60 -2.13
N TYR A 162 18.56 -1.56 -2.46
CA TYR A 162 19.13 -0.40 -3.09
C TYR A 162 19.38 0.74 -2.11
N GLN A 163 19.17 0.51 -0.82
CA GLN A 163 19.43 1.54 0.17
C GLN A 163 20.92 1.86 0.23
N SER A 164 21.23 3.16 0.28
CA SER A 164 22.63 3.60 0.23
C SER A 164 23.29 3.68 1.61
N TYR B 5 -6.95 18.38 4.94
CA TYR B 5 -6.94 18.69 6.36
C TYR B 5 -7.80 17.66 7.11
N PHE B 6 -8.79 17.13 6.40
CA PHE B 6 -9.68 16.06 6.90
C PHE B 6 -10.32 16.44 8.24
N ASP B 7 -11.02 17.58 8.25
CA ASP B 7 -11.68 18.06 9.45
C ASP B 7 -13.17 17.73 9.51
N ASN B 8 -13.71 17.08 8.48
CA ASN B 8 -15.14 16.85 8.39
C ASN B 8 -15.55 15.78 9.39
N GLU B 9 -16.16 16.22 10.49
CA GLU B 9 -16.58 15.30 11.54
C GLU B 9 -17.60 14.29 11.05
N SER B 10 -18.36 14.62 10.01
CA SER B 10 -19.41 13.72 9.54
C SER B 10 -18.84 12.59 8.68
N ILE B 11 -17.96 12.94 7.74
CA ILE B 11 -17.28 11.89 6.96
C ILE B 11 -16.47 11.01 7.89
N ASN B 12 -15.66 11.62 8.77
CA ASN B 12 -14.81 10.86 9.68
C ASN B 12 -15.62 9.91 10.53
N GLU B 13 -16.90 10.25 10.76
CA GLU B 13 -17.80 9.39 11.49
C GLU B 13 -18.22 8.20 10.64
N ASP B 14 -18.43 8.41 9.34
CA ASP B 14 -18.69 7.28 8.46
C ASP B 14 -17.46 6.39 8.28
N ILE B 15 -16.27 6.99 8.27
CA ILE B 15 -15.04 6.20 8.16
C ILE B 15 -14.88 5.33 9.41
N LYS B 16 -14.85 5.97 10.58
CA LYS B 16 -14.84 5.22 11.84
C LYS B 16 -15.88 4.13 11.82
N ASN B 17 -17.05 4.44 11.27
CA ASN B 17 -18.12 3.47 11.13
C ASN B 17 -17.72 2.32 10.22
N TYR B 18 -17.08 2.65 9.09
CA TYR B 18 -16.64 1.62 8.14
C TYR B 18 -15.55 0.73 8.75
N ILE B 19 -14.60 1.32 9.48
CA ILE B 19 -13.52 0.54 10.09
C ILE B 19 -14.07 -0.41 11.15
N GLN B 20 -14.82 0.12 12.12
CA GLN B 20 -15.28 -0.71 13.24
C GLN B 20 -16.06 -1.92 12.75
N ARG B 21 -16.89 -1.73 11.73
CA ARG B 21 -17.68 -2.83 11.17
C ARG B 21 -16.80 -3.97 10.67
N ARG B 22 -15.70 -3.65 9.99
CA ARG B 22 -14.86 -4.70 9.40
C ARG B 22 -13.73 -5.15 10.32
N ILE B 23 -13.20 -4.26 11.17
CA ILE B 23 -12.03 -4.63 11.95
C ILE B 23 -12.39 -5.56 13.10
N LYS B 24 -13.65 -5.58 13.53
CA LYS B 24 -14.02 -6.52 14.60
C LYS B 24 -13.98 -7.96 14.14
N ALA B 25 -13.88 -8.22 12.84
CA ALA B 25 -13.78 -9.59 12.34
C ALA B 25 -12.44 -10.24 12.63
N TYR B 26 -11.41 -9.48 13.02
CA TYR B 26 -10.15 -10.06 13.43
C TYR B 26 -9.99 -10.09 14.94
N GLY B 27 -11.05 -9.76 15.68
CA GLY B 27 -11.05 -9.86 17.12
C GLY B 27 -11.60 -8.60 17.76
N ASP B 28 -11.65 -8.63 19.08
CA ASP B 28 -12.03 -7.47 19.88
C ASP B 28 -10.74 -6.73 20.22
N LEU B 29 -10.47 -5.65 19.49
CA LEU B 29 -9.18 -5.00 19.53
C LEU B 29 -9.34 -3.50 19.58
N ARG B 30 -8.25 -2.84 19.99
CA ARG B 30 -8.13 -1.40 19.88
C ARG B 30 -7.47 -1.05 18.55
N TYR B 31 -7.99 -0.03 17.87
CA TYR B 31 -7.38 0.43 16.63
C TYR B 31 -7.29 1.94 16.62
N SER B 32 -6.38 2.43 15.78
CA SER B 32 -6.32 3.85 15.45
C SER B 32 -5.91 4.00 13.99
N TYR B 33 -6.75 4.68 13.22
CA TYR B 33 -6.44 5.08 11.87
C TYR B 33 -5.95 6.51 11.95
N LEU B 34 -4.67 6.73 11.66
CA LEU B 34 -4.05 8.03 11.82
C LEU B 34 -3.50 8.47 10.47
N VAL B 35 -3.90 9.67 10.04
CA VAL B 35 -3.50 10.19 8.74
C VAL B 35 -2.82 11.53 8.96
N MSE B 36 -1.62 11.67 8.42
CA MSE B 36 -0.89 12.91 8.51
C MSE B 36 -0.36 13.33 7.16
O MSE B 36 0.04 12.52 6.32
CB MSE B 36 0.26 12.80 9.52
CG MSE B 36 0.94 11.47 9.50
SE MSE B 36 2.00 11.22 11.12
CE MSE B 36 3.36 12.54 10.73
N ASN B 37 -0.38 14.64 6.96
CA ASN B 37 0.14 15.26 5.76
C ASN B 37 1.27 16.21 6.14
N LYS B 38 2.27 16.31 5.25
CA LYS B 38 3.40 17.19 5.55
C LYS B 38 2.99 18.65 5.62
N LYS B 39 1.88 19.04 4.99
CA LYS B 39 1.44 20.43 4.98
C LYS B 39 0.64 20.83 6.22
N THR B 40 0.17 19.87 7.02
CA THR B 40 -0.52 20.15 8.28
C THR B 40 0.00 19.23 9.37
N PRO B 41 1.31 19.30 9.67
CA PRO B 41 1.90 18.25 10.51
C PRO B 41 1.41 18.23 11.94
N LEU B 42 0.92 19.35 12.47
CA LEU B 42 0.46 19.38 13.84
C LEU B 42 -1.02 19.04 13.97
N HIS B 43 -1.69 18.73 12.87
CA HIS B 43 -3.11 18.37 12.90
C HIS B 43 -3.31 17.04 12.17
N PRO B 44 -2.81 15.95 12.75
CA PRO B 44 -3.13 14.63 12.16
C PRO B 44 -4.57 14.27 12.46
N THR B 45 -5.19 13.57 11.52
CA THR B 45 -6.52 13.03 11.76
C THR B 45 -6.42 11.67 12.44
N ILE B 46 -7.13 11.51 13.55
CA ILE B 46 -7.13 10.27 14.32
C ILE B 46 -8.54 9.76 14.42
N ILE B 47 -8.76 8.54 13.95
CA ILE B 47 -10.06 7.88 13.99
C ILE B 47 -9.85 6.56 14.72
N SER B 48 -10.32 6.48 15.96
CA SER B 48 -9.83 5.40 16.81
C SER B 48 -10.89 5.01 17.83
N ASN B 49 -10.72 3.83 18.40
CA ASN B 49 -11.43 3.44 19.62
C ASN B 49 -10.50 3.35 20.82
N TYR B 50 -9.33 4.00 20.76
CA TYR B 50 -8.46 4.10 21.92
C TYR B 50 -9.17 4.91 23.02
N PRO B 51 -8.77 4.73 24.28
CA PRO B 51 -9.37 5.54 25.37
C PRO B 51 -9.22 7.02 25.06
N LEU B 52 -10.32 7.76 25.25
CA LEU B 52 -10.41 9.13 24.73
C LEU B 52 -9.42 10.06 25.39
N ASP B 53 -9.13 9.86 26.68
CA ASP B 53 -8.17 10.73 27.35
C ASP B 53 -6.78 10.56 26.77
N TRP B 54 -6.43 9.34 26.36
CA TRP B 54 -5.17 9.12 25.67
C TRP B 54 -5.16 9.81 24.31
N VAL B 55 -6.22 9.63 23.52
CA VAL B 55 -6.32 10.32 22.24
C VAL B 55 -6.16 11.83 22.42
N LYS B 56 -6.89 12.39 23.40
CA LYS B 56 -6.82 13.82 23.62
C LYS B 56 -5.41 14.25 24.04
N LYS B 57 -4.81 13.50 24.97
CA LYS B 57 -3.42 13.78 25.37
C LYS B 57 -2.47 13.63 24.18
N TYR B 58 -2.69 12.59 23.36
CA TYR B 58 -1.84 12.37 22.19
C TYR B 58 -1.94 13.55 21.22
N LYS B 59 -3.17 14.01 20.96
CA LYS B 59 -3.35 15.17 20.09
C LYS B 59 -2.71 16.41 20.71
N LYS B 60 -3.01 16.68 21.99
CA LYS B 60 -2.58 17.92 22.64
C LYS B 60 -1.06 18.05 22.66
N ASN B 61 -0.34 16.95 22.85
CA ASN B 61 1.11 17.01 22.92
C ASN B 61 1.80 16.67 21.60
N SER B 62 1.06 16.50 20.51
CA SER B 62 1.63 16.16 19.20
C SER B 62 2.59 14.98 19.33
N TYR B 63 2.11 13.93 20.02
CA TYR B 63 2.95 12.77 20.30
C TYR B 63 3.30 11.98 19.04
N HIS B 64 2.55 12.16 17.96
CA HIS B 64 2.93 11.51 16.72
C HIS B 64 4.33 11.92 16.25
N LEU B 65 4.83 13.08 16.71
CA LEU B 65 6.18 13.50 16.35
C LEU B 65 7.28 12.72 17.08
N ILE B 66 6.96 12.00 18.15
CA ILE B 66 7.98 11.26 18.89
C ILE B 66 7.52 9.82 19.10
N ASP B 67 6.51 9.39 18.36
CA ASP B 67 5.98 8.07 18.57
C ASP B 67 6.81 7.07 17.78
N PRO B 68 7.51 6.12 18.43
CA PRO B 68 8.34 5.19 17.65
C PRO B 68 7.59 4.48 16.51
N VAL B 69 6.30 4.15 16.67
CA VAL B 69 5.66 3.42 15.57
C VAL B 69 5.40 4.33 14.38
N ILE B 70 5.12 5.62 14.61
CA ILE B 70 4.91 6.53 13.49
C ILE B 70 6.24 6.87 12.84
N LEU B 71 7.29 7.07 13.65
CA LEU B 71 8.61 7.31 13.07
C LEU B 71 9.08 6.11 12.25
N THR B 72 8.78 4.89 12.70
CA THR B 72 9.18 3.72 11.91
C THR B 72 8.37 3.63 10.62
N ALA B 73 7.06 3.87 10.70
CA ALA B 73 6.19 3.77 9.55
C ALA B 73 6.63 4.69 8.41
N LYS B 74 7.27 5.82 8.73
CA LYS B 74 7.78 6.72 7.70
C LYS B 74 8.76 6.01 6.77
N ASP B 75 9.44 4.98 7.25
CA ASP B 75 10.45 4.27 6.47
C ASP B 75 9.95 2.95 5.95
N LYS B 76 8.66 2.66 6.08
CA LYS B 76 8.12 1.34 5.74
C LYS B 76 7.07 1.45 4.64
N VAL B 77 6.92 0.35 3.88
CA VAL B 77 5.70 0.09 3.14
C VAL B 77 4.98 -1.14 3.67
N ALA B 78 5.65 -2.01 4.42
CA ALA B 78 5.09 -3.27 4.87
C ALA B 78 4.74 -3.20 6.34
N PRO B 79 3.79 -4.01 6.79
CA PRO B 79 3.35 -3.93 8.20
C PRO B 79 4.43 -4.45 9.15
N PHE B 80 4.40 -3.95 10.38
CA PHE B 80 5.41 -4.36 11.34
C PHE B 80 4.80 -4.43 12.73
N ALA B 81 5.42 -5.22 13.58
CA ALA B 81 5.05 -5.36 14.98
C ALA B 81 5.76 -4.31 15.81
N TRP B 82 5.15 -3.94 16.93
CA TRP B 82 5.80 -2.96 17.80
C TRP B 82 6.96 -3.54 18.59
N ASP B 83 7.18 -4.86 18.56
CA ASP B 83 8.42 -5.41 19.11
C ASP B 83 9.45 -5.71 18.02
N ASP B 84 9.24 -5.22 16.79
CA ASP B 84 10.28 -5.32 15.77
C ASP B 84 11.51 -4.51 16.17
N ASN B 85 12.68 -4.93 15.68
CA ASN B 85 13.93 -4.24 16.04
C ASN B 85 13.89 -2.74 15.72
N SER B 86 13.25 -2.36 14.61
CA SER B 86 13.21 -0.93 14.25
C SER B 86 12.47 -0.09 15.30
N VAL B 87 11.36 -0.61 15.85
CA VAL B 87 10.64 0.12 16.88
C VAL B 87 11.41 0.09 18.21
N ILE B 88 11.97 -1.08 18.57
CA ILE B 88 12.73 -1.17 19.81
C ILE B 88 13.88 -0.18 19.79
N ASN B 89 14.57 -0.10 18.64
CA ASN B 89 15.64 0.87 18.46
C ASN B 89 15.18 2.30 18.74
N LYS B 90 14.06 2.70 18.14
CA LYS B 90 13.59 4.07 18.35
C LYS B 90 13.12 4.27 19.77
N LYS B 91 12.54 3.23 20.37
CA LYS B 91 12.12 3.31 21.77
C LYS B 91 13.29 3.59 22.70
N SER B 92 14.47 3.03 22.40
CA SER B 92 15.60 3.28 23.28
C SER B 92 16.02 4.74 23.25
N THR B 93 15.79 5.43 22.13
CA THR B 93 16.16 6.83 22.00
C THR B 93 15.09 7.77 22.56
N ASP B 94 13.80 7.47 22.35
CA ASP B 94 12.74 8.23 23.01
C ASP B 94 11.62 7.26 23.41
N SER B 95 11.42 7.11 24.71
CA SER B 95 10.47 6.16 25.25
C SER B 95 9.22 6.80 25.83
N ALA B 96 9.10 8.13 25.77
CA ALA B 96 7.99 8.84 26.44
C ALA B 96 6.62 8.30 26.04
N VAL B 97 6.37 8.14 24.74
CA VAL B 97 5.04 7.76 24.28
C VAL B 97 4.64 6.39 24.84
N PHE B 98 5.54 5.40 24.78
CA PHE B 98 5.15 4.09 25.26
C PHE B 98 4.97 4.09 26.77
N LYS B 99 5.79 4.86 27.50
CA LYS B 99 5.63 4.90 28.95
C LYS B 99 4.25 5.45 29.33
N LEU B 100 3.78 6.49 28.63
CA LEU B 100 2.46 7.02 28.97
C LEU B 100 1.36 6.11 28.44
N ALA B 101 1.57 5.46 27.30
CA ALA B 101 0.51 4.60 26.76
C ALA B 101 0.26 3.39 27.63
N ARG B 102 1.25 2.98 28.43
CA ARG B 102 1.08 1.81 29.28
C ARG B 102 -0.09 1.96 30.23
N GLU B 103 -0.38 3.20 30.67
CA GLU B 103 -1.52 3.42 31.56
C GLU B 103 -2.81 2.96 30.93
N TYR B 104 -2.99 3.22 29.63
CA TYR B 104 -4.21 2.83 28.94
C TYR B 104 -4.11 1.45 28.34
N ASN B 105 -3.07 0.70 28.70
CA ASN B 105 -2.86 -0.69 28.28
C ASN B 105 -2.54 -0.82 26.80
N ILE B 106 -1.93 0.21 26.20
CA ILE B 106 -1.44 0.14 24.83
C ILE B 106 0.03 -0.24 24.94
N VAL B 107 0.33 -1.53 24.73
CA VAL B 107 1.70 -2.03 24.92
C VAL B 107 2.18 -2.78 23.69
N ASN B 108 1.41 -3.78 23.27
CA ASN B 108 1.78 -4.65 22.16
C ASN B 108 0.85 -4.38 20.99
N GLY B 109 1.38 -4.43 19.76
CA GLY B 109 0.53 -4.08 18.64
C GLY B 109 1.25 -4.22 17.31
N TYR B 110 0.57 -3.72 16.28
CA TYR B 110 1.01 -3.78 14.90
C TYR B 110 0.67 -2.47 14.22
N THR B 111 1.47 -2.10 13.24
CA THR B 111 1.19 -0.94 12.41
C THR B 111 1.20 -1.36 10.95
N PHE B 112 0.16 -0.96 10.23
CA PHE B 112 0.04 -1.10 8.79
C PHE B 112 0.18 0.29 8.18
N VAL B 113 0.87 0.41 7.06
CA VAL B 113 1.21 1.74 6.56
C VAL B 113 0.84 1.86 5.09
N LEU B 114 0.49 3.08 4.70
N LEU B 114 0.49 3.07 4.70
CA LEU B 114 0.11 3.44 3.34
CA LEU B 114 0.15 3.41 3.33
C LEU B 114 0.54 4.87 3.07
C LEU B 114 0.60 4.85 3.09
N HIS B 115 1.27 5.09 1.97
CA HIS B 115 1.47 6.44 1.46
C HIS B 115 0.60 6.60 0.22
N ASP B 116 0.08 7.81 -0.02
CA ASP B 116 -0.68 8.06 -1.25
C ASP B 116 0.05 9.10 -2.09
N ASN B 117 -0.60 9.59 -3.16
CA ASN B 117 0.00 10.60 -4.02
C ASN B 117 -0.49 12.02 -3.68
N SER B 118 -1.09 12.21 -2.51
CA SER B 118 -1.51 13.52 -2.02
C SER B 118 -0.66 13.98 -0.84
N ASN B 119 0.52 13.41 -0.68
CA ASN B 119 1.42 13.66 0.45
C ASN B 119 0.88 13.18 1.79
N ASN B 120 -0.04 12.23 1.83
CA ASN B 120 -0.50 11.71 3.11
C ASN B 120 0.24 10.42 3.47
N MSE B 121 0.51 10.25 4.75
CA MSE B 121 0.83 8.93 5.26
C MSE B 121 -0.35 8.45 6.10
O MSE B 121 -0.79 9.12 7.03
CB MSE B 121 2.11 8.91 6.10
CG MSE B 121 2.34 7.52 6.70
SE MSE B 121 4.03 7.37 7.63
CE MSE B 121 3.54 8.37 9.21
N ALA B 122 -0.89 7.28 5.78
CA ALA B 122 -1.95 6.72 6.59
C ALA B 122 -1.44 5.49 7.32
N THR B 123 -1.81 5.37 8.59
CA THR B 123 -1.46 4.16 9.34
C THR B 123 -2.72 3.58 9.98
N LEU B 124 -2.78 2.26 10.01
CA LEU B 124 -3.75 1.54 10.83
C LEU B 124 -2.98 0.84 11.93
N ASN B 125 -3.20 1.30 13.16
CA ASN B 125 -2.47 0.81 14.33
C ASN B 125 -3.43 -0.04 15.15
N ILE B 126 -2.97 -1.21 15.58
CA ILE B 126 -3.84 -2.20 16.18
C ILE B 126 -3.16 -2.77 17.40
N SER B 127 -3.91 -2.86 18.50
CA SER B 127 -3.41 -3.38 19.77
C SER B 127 -4.46 -4.29 20.37
N ASN B 128 -4.01 -5.27 21.16
CA ASN B 128 -5.00 -6.07 21.88
C ASN B 128 -5.49 -5.37 23.14
N GLY B 129 -4.71 -4.47 23.70
CA GLY B 129 -5.04 -3.84 24.98
C GLY B 129 -4.46 -4.63 26.15
N SER B 130 -5.32 -5.07 27.05
CA SER B 130 -4.90 -5.93 28.16
C SER B 130 -5.02 -7.41 27.85
N ASP B 131 -5.75 -7.78 26.81
CA ASP B 131 -6.09 -9.17 26.55
C ASP B 131 -4.84 -10.01 26.30
N ASP B 132 -5.04 -11.34 26.26
CA ASP B 132 -3.93 -12.26 26.11
C ASP B 132 -3.20 -12.01 24.80
N SER B 133 -1.90 -12.20 24.85
CA SER B 133 -1.05 -11.71 23.78
C SER B 133 -0.95 -12.67 22.59
N ILE B 134 -0.80 -13.97 22.85
CA ILE B 134 -0.33 -14.88 21.80
C ILE B 134 -1.39 -15.07 20.72
N SER B 135 -2.63 -15.36 21.12
CA SER B 135 -3.67 -15.58 20.11
C SER B 135 -3.89 -14.33 19.27
N PHE B 136 -3.72 -13.15 19.85
CA PHE B 136 -3.86 -11.91 19.09
C PHE B 136 -2.80 -11.82 18.01
N ASP B 137 -1.52 -11.96 18.40
CA ASP B 137 -0.44 -11.84 17.43
C ASP B 137 -0.56 -12.88 16.34
N GLU B 138 -1.05 -14.07 16.67
CA GLU B 138 -1.17 -15.11 15.66
C GLU B 138 -2.35 -14.86 14.73
N SER B 139 -3.43 -14.26 15.24
CA SER B 139 -4.52 -13.85 14.36
C SER B 139 -4.09 -12.71 13.43
N ILE B 140 -3.35 -11.74 13.96
CA ILE B 140 -2.94 -10.62 13.11
C ILE B 140 -2.01 -11.12 12.00
N GLU B 141 -1.12 -12.05 12.33
CA GLU B 141 -0.17 -12.58 11.35
C GLU B 141 -0.88 -13.33 10.24
N ILE B 142 -1.84 -14.20 10.58
CA ILE B 142 -2.55 -14.96 9.55
C ILE B 142 -3.43 -14.04 8.70
N ASN B 143 -3.88 -12.92 9.25
CA ASN B 143 -4.79 -12.02 8.57
C ASN B 143 -4.12 -10.72 8.09
N LYS B 144 -2.79 -10.65 8.06
CA LYS B 144 -2.16 -9.36 7.78
C LYS B 144 -2.49 -8.84 6.38
N GLU B 145 -2.57 -9.72 5.36
CA GLU B 145 -2.93 -9.25 4.02
C GLU B 145 -4.31 -8.64 4.00
N LYS B 146 -5.25 -9.25 4.72
CA LYS B 146 -6.61 -8.72 4.76
C LYS B 146 -6.66 -7.39 5.51
N ILE B 147 -5.89 -7.26 6.57
CA ILE B 147 -5.91 -6.00 7.32
C ILE B 147 -5.26 -4.90 6.51
N GLN B 148 -4.21 -5.22 5.75
CA GLN B 148 -3.62 -4.22 4.85
C GLN B 148 -4.65 -3.73 3.84
N MSE B 149 -5.42 -4.65 3.28
CA MSE B 149 -6.46 -4.24 2.34
C MSE B 149 -7.54 -3.40 2.99
O MSE B 149 -8.09 -2.51 2.33
CB MSE B 149 -7.10 -5.46 1.67
CG MSE B 149 -8.04 -5.08 0.51
SE MSE B 149 -7.15 -4.04 -0.95
CE MSE B 149 -5.71 -5.22 -1.38
N LEU B 150 -7.86 -3.67 4.26
CA LEU B 150 -8.82 -2.82 4.96
C LEU B 150 -8.29 -1.39 5.09
N LEU B 151 -7.00 -1.24 5.41
CA LEU B 151 -6.43 0.10 5.43
C LEU B 151 -6.52 0.74 4.05
N ILE B 152 -6.16 -0.01 3.01
CA ILE B 152 -6.19 0.53 1.65
C ILE B 152 -7.60 0.97 1.28
N LEU B 153 -8.59 0.13 1.55
CA LEU B 153 -9.96 0.45 1.14
C LEU B 153 -10.59 1.50 2.04
N THR B 154 -10.25 1.52 3.32
CA THR B 154 -10.66 2.64 4.17
C THR B 154 -10.14 3.95 3.62
N HIS B 155 -8.85 3.98 3.29
CA HIS B 155 -8.25 5.23 2.85
C HIS B 155 -8.82 5.66 1.50
N GLU B 156 -9.01 4.72 0.58
CA GLU B 156 -9.67 5.06 -0.68
C GLU B 156 -11.06 5.62 -0.43
N LYS B 157 -11.80 5.00 0.49
CA LYS B 157 -13.15 5.46 0.79
C LYS B 157 -13.14 6.87 1.35
N MSE B 158 -12.18 7.16 2.22
CA MSE B 158 -12.04 8.45 2.84
C MSE B 158 -11.73 9.51 1.81
O MSE B 158 -12.37 10.55 1.80
CB MSE B 158 -10.96 8.42 3.91
CG MSE B 158 -10.51 9.80 4.38
SE MSE B 158 -10.65 9.90 6.31
CE MSE B 158 -9.29 11.22 6.66
N LEU B 159 -10.72 9.25 0.99
CA LEU B 159 -10.40 10.20 -0.07
C LEU B 159 -11.59 10.36 -1.01
N GLY B 160 -12.33 9.28 -1.25
CA GLY B 160 -13.50 9.38 -2.10
C GLY B 160 -14.58 10.27 -1.50
N LEU B 161 -14.88 10.06 -0.20
CA LEU B 161 -15.92 10.84 0.44
C LEU B 161 -15.55 12.31 0.51
N TYR B 162 -14.30 12.62 0.83
CA TYR B 162 -13.88 14.01 0.80
C TYR B 162 -13.88 14.58 -0.60
N GLN B 163 -13.73 13.73 -1.61
CA GLN B 163 -13.76 14.20 -2.99
C GLN B 163 -15.18 14.60 -3.40
N SER B 164 -16.16 13.75 -3.10
CA SER B 164 -17.56 14.05 -3.41
C SER B 164 -18.05 15.26 -2.62
N ASN B 165 -17.71 15.32 -1.34
CA ASN B 165 -18.12 16.45 -0.50
C ASN B 165 -17.59 17.77 -1.05
N SER B 166 -16.39 17.75 -1.64
CA SER B 166 -15.81 18.96 -2.20
C SER B 166 -16.45 19.33 -3.53
N ASP B 167 -16.86 18.33 -4.31
CA ASP B 167 -17.55 18.62 -5.58
C ASP B 167 -18.88 19.30 -5.33
N LYS B 168 -19.62 18.85 -4.32
CA LYS B 168 -20.93 19.40 -4.00
C LYS B 168 -20.84 20.56 -3.02
C15 482 C . 6.04 -3.26 -20.46
C14 482 C . 5.49 -3.04 -19.05
C13 482 C . 4.20 -2.22 -19.09
C11 482 C . 3.66 -2.04 -17.67
O12 482 C . 4.28 -2.46 -16.71
C10 482 C . 2.32 -1.37 -17.46
C8 482 C . 1.30 -2.24 -18.15
O9 482 C . 1.24 -3.45 -17.90
N7 482 C . 0.51 -1.67 -19.04
C1 482 C . -0.41 -2.53 -19.77
C5 482 C . -1.69 -1.82 -20.18
C4 482 C . -2.14 -2.55 -21.46
C2 482 C . 0.12 -2.99 -21.09
O6 482 C . 1.26 -3.34 -21.35
OAP 482 C . -0.91 -2.96 -22.07
S SO4 D . 0.27 -15.46 -24.16
O1 SO4 D . 1.42 -16.34 -24.25
O2 SO4 D . -0.52 -15.57 -25.38
O3 SO4 D . 0.70 -14.07 -24.01
O4 SO4 D . -0.55 -15.82 -22.98
C1 EDO E . 7.84 -14.15 1.63
O1 EDO E . 8.68 -15.16 1.07
C2 EDO E . 8.69 -13.06 2.27
O2 EDO E . 9.49 -12.38 1.29
C1 EDO F . 9.71 3.74 2.37
O1 EDO F . 8.34 4.16 2.43
C2 EDO F . 10.44 4.43 1.22
O2 EDO F . 10.81 5.75 1.61
C1 EDO G . 1.69 -12.98 0.61
O1 EDO G . 1.13 -12.50 -0.61
C2 EDO G . 3.17 -13.16 0.33
O2 EDO G . 3.34 -13.01 -1.09
C ACY H . 6.90 -14.61 -25.41
O ACY H . 7.61 -14.96 -24.44
OXT ACY H . 5.73 -15.02 -25.60
CH3 ACY H . 7.49 -13.68 -26.43
C ACY I . 9.24 1.81 -32.98
O ACY I . 10.46 1.64 -32.75
OXT ACY I . 8.35 1.58 -32.15
CH3 ACY I . 8.83 2.34 -34.32
C ACY J . 9.04 12.59 6.33
O ACY J . 10.19 12.64 5.85
OXT ACY J . 8.13 11.86 5.87
CH3 ACY J . 8.69 13.46 7.50
C15 482 K . -3.90 7.96 19.65
C14 482 K . -3.52 7.33 18.32
C13 482 K . -2.03 7.02 18.26
C11 482 K . -1.70 6.29 16.97
O12 482 K . -2.55 6.18 16.09
C10 482 K . -0.33 5.67 16.82
C8 482 K . -0.18 4.64 17.91
O9 482 K . -1.00 3.74 18.03
N7 482 K . 0.87 4.73 18.71
C1 482 K . 0.88 3.73 19.76
C5 482 K . 2.28 3.32 20.19
C4 482 K . 2.23 3.11 21.71
C2 482 K . 0.28 4.24 21.03
O6 482 K . -0.74 4.91 21.12
OAP 482 K . 1.10 3.87 22.16
S SO4 L . 13.13 -5.39 12.11
O1 SO4 L . 14.57 -5.29 11.84
O2 SO4 L . 12.44 -5.65 10.84
O3 SO4 L . 12.68 -4.10 12.63
O4 SO4 L . 12.88 -6.49 13.08
S SO4 M . -8.53 -2.96 27.02
O1 SO4 M . -7.86 -2.06 26.07
O2 SO4 M . -8.65 -4.29 26.43
O3 SO4 M . -7.74 -3.04 28.24
O4 SO4 M . -9.86 -2.44 27.33
C1 EDO N . -16.98 -4.77 1.98
O1 EDO N . -18.21 -4.94 1.26
C2 EDO N . -16.01 -3.89 1.19
O2 EDO N . -16.55 -2.58 1.03
C1 EDO O . -20.73 0.30 6.19
O1 EDO O . -20.34 -1.05 5.99
C2 EDO O . -19.87 1.18 5.31
O2 EDO O . -19.92 2.52 5.81
C1 EDO P . 12.26 -9.48 15.00
O1 EDO P . 11.02 -9.46 15.74
C2 EDO P . 12.25 -8.62 13.74
O2 EDO P . 12.81 -7.33 14.03
C ACY Q . -15.64 4.36 20.06
O ACY Q . -15.92 3.26 19.52
OXT ACY Q . -14.57 4.55 20.70
CH3 ACY Q . -16.61 5.48 19.95
C1 EDO R . -17.68 8.69 17.00
O1 EDO R . -17.06 7.69 17.79
C2 EDO R . -18.80 8.02 16.25
O2 EDO R . -18.24 7.45 15.06
C1 EDO S . -12.56 3.41 26.43
O1 EDO S . -12.30 2.24 27.21
C2 EDO S . -12.48 4.65 27.31
O2 EDO S . -12.74 5.82 26.52
#